data_1YMX
#
_entry.id   1YMX
#
_cell.length_a   45.209
_cell.length_b   106.781
_cell.length_c   47.779
_cell.angle_alpha   90.00
_cell.angle_beta   101.62
_cell.angle_gamma   90.00
#
_symmetry.space_group_name_H-M   'P 1 21 1'
#
loop_
_entity.id
_entity.type
_entity.pdbx_description
1 polymer 'beta-lactamase CTX-M-9'
2 non-polymer '(2R)-5-[(carbamoyloxy)methyl]-2-{(1S)-1-methoxy-2-oxo-1-[(thiophen-2-ylacetyl)amino]ethyl}-3,6-dihydro-2H-1,3-thiazine-4-carboxylic acid'
3 water water
#
_entity_poly.entity_id   1
_entity_poly.type   'polypeptide(L)'
_entity_poly.pdbx_seq_one_letter_code
;QTSAVQQKLAALEKSSGGRLGVALIDTADNTQVLYRGDERFPMCSTSKVMAAAAVLKQSETQKQLLNQPVEIKPADLVNY
NPIAEKHVNGTMTLAELSAAALQYSDNTAMNKLIAQLGGPGGVTAFARAIGDETFRLDRTEPTLNTAIPGDPRDTTTPRA
MAQTLRQLTLGHALGETQRAQLVTWLKGNTTGAASIRAGLPTSWTAGDKTGSGDYGTTNDIAVIWPQGRAPLVLVTYFTQ
PQQNAESRRDVLASAARIIAEGL
;
_entity_poly.pdbx_strand_id   A,B
#
# COMPACT_ATOMS: atom_id res chain seq x y z
N THR A 2 3.20 2.28 3.25
CA THR A 2 1.97 1.46 3.40
C THR A 2 2.08 0.11 2.68
N SER A 3 2.00 0.14 1.35
CA SER A 3 2.08 -1.07 0.53
C SER A 3 3.54 -1.50 0.27
N ALA A 4 3.73 -2.75 -0.16
CA ALA A 4 5.08 -3.26 -0.45
C ALA A 4 5.66 -2.46 -1.63
N VAL A 5 4.83 -2.23 -2.64
CA VAL A 5 5.23 -1.46 -3.81
C VAL A 5 5.62 -0.04 -3.39
N GLN A 6 4.81 0.55 -2.51
CA GLN A 6 5.11 1.90 -2.05
C GLN A 6 6.42 1.90 -1.28
N GLN A 7 6.71 0.82 -0.58
CA GLN A 7 7.95 0.71 0.19
C GLN A 7 9.15 0.61 -0.76
N LYS A 8 8.99 -0.11 -1.85
CA LYS A 8 10.08 -0.23 -2.81
C LYS A 8 10.32 1.13 -3.48
N LEU A 9 9.24 1.86 -3.75
CA LEU A 9 9.42 3.17 -4.37
C LEU A 9 10.14 4.12 -3.41
N ALA A 10 9.89 3.96 -2.11
CA ALA A 10 10.55 4.81 -1.11
C ALA A 10 12.04 4.52 -1.12
N ALA A 11 12.38 3.24 -1.23
CA ALA A 11 13.77 2.81 -1.25
C ALA A 11 14.45 3.33 -2.49
N LEU A 12 13.74 3.31 -3.62
CA LEU A 12 14.31 3.81 -4.86
C LEU A 12 14.57 5.30 -4.71
N GLU A 13 13.57 6.01 -4.20
CA GLU A 13 13.72 7.45 -4.05
C GLU A 13 14.90 7.80 -3.14
N LYS A 14 15.05 7.03 -2.06
CA LYS A 14 16.12 7.25 -1.10
C LYS A 14 17.51 7.23 -1.71
N SER A 15 17.77 6.30 -2.62
CA SER A 15 19.09 6.24 -3.22
C SER A 15 19.14 6.98 -4.55
N SER A 16 18.08 7.72 -4.85
CA SER A 16 18.00 8.45 -6.12
C SER A 16 18.56 9.86 -6.05
N GLY A 17 18.65 10.41 -4.85
CA GLY A 17 19.15 11.77 -4.72
C GLY A 17 18.12 12.80 -5.18
N GLY A 18 16.83 12.46 -5.15
CA GLY A 18 15.82 13.41 -5.56
C GLY A 18 14.44 13.13 -4.95
N ARG A 19 13.40 13.72 -5.52
CA ARG A 19 12.02 13.52 -5.05
C ARG A 19 11.24 12.86 -6.18
N LEU A 20 10.60 11.74 -5.84
CA LEU A 20 9.86 10.91 -6.78
C LEU A 20 8.34 10.93 -6.54
N GLY A 21 7.58 11.06 -7.62
CA GLY A 21 6.13 11.04 -7.53
C GLY A 21 5.58 10.01 -8.49
N VAL A 22 4.74 9.11 -8.01
CA VAL A 22 4.19 8.07 -8.86
C VAL A 22 2.70 7.88 -8.67
N ALA A 23 1.98 7.64 -9.77
CA ALA A 23 0.56 7.37 -9.68
C ALA A 23 0.23 6.37 -10.77
N LEU A 24 -0.35 5.25 -10.34
CA LEU A 24 -0.77 4.18 -11.24
C LEU A 24 -2.26 3.96 -11.11
N ILE A 25 -2.94 3.82 -12.25
CA ILE A 25 -4.37 3.47 -12.20
C ILE A 25 -4.43 2.16 -12.99
N ASP A 26 -4.93 1.09 -12.38
CA ASP A 26 -5.04 -0.20 -13.05
C ASP A 26 -6.49 -0.28 -13.45
N THR A 27 -6.80 -0.14 -14.75
CA THR A 27 -8.21 -0.16 -15.14
C THR A 27 -8.84 -1.55 -15.04
N ALA A 28 -8.06 -2.55 -14.61
CA ALA A 28 -8.62 -3.90 -14.44
C ALA A 28 -9.63 -3.84 -13.30
N ASP A 29 -9.32 -3.03 -12.29
CA ASP A 29 -10.19 -2.88 -11.11
C ASP A 29 -10.32 -1.46 -10.58
N ASN A 30 -9.74 -0.50 -11.30
CA ASN A 30 -9.76 0.90 -10.92
C ASN A 30 -9.00 1.23 -9.64
N THR A 31 -8.12 0.32 -9.22
CA THR A 31 -7.35 0.58 -8.01
C THR A 31 -6.18 1.48 -8.37
N GLN A 32 -5.64 2.13 -7.35
CA GLN A 32 -4.54 3.07 -7.55
C GLN A 32 -3.42 2.81 -6.61
N VAL A 33 -2.20 3.08 -7.08
CA VAL A 33 -1.00 2.96 -6.27
C VAL A 33 -0.37 4.34 -6.40
N LEU A 34 -0.14 5.00 -5.27
CA LEU A 34 0.43 6.34 -5.29
C LEU A 34 1.65 6.48 -4.41
N TYR A 35 2.58 7.33 -4.82
CA TYR A 35 3.74 7.65 -4.03
C TYR A 35 3.89 9.14 -4.19
N ARG A 36 3.77 9.88 -3.10
CA ARG A 36 3.78 11.36 -3.17
C ARG A 36 2.75 11.74 -4.22
N GLY A 37 1.66 10.99 -4.25
CA GLY A 37 0.62 11.22 -5.24
C GLY A 37 -0.08 12.57 -5.20
N ASP A 38 -0.04 13.26 -4.06
CA ASP A 38 -0.70 14.56 -3.95
C ASP A 38 0.27 15.72 -3.81
N GLU A 39 1.54 15.45 -4.06
CA GLU A 39 2.55 16.51 -4.01
C GLU A 39 2.66 17.07 -5.42
N ARG A 40 2.99 18.35 -5.53
CA ARG A 40 3.12 18.97 -6.84
C ARG A 40 4.51 18.79 -7.42
N PHE A 41 4.56 18.61 -8.73
CA PHE A 41 5.80 18.46 -9.48
C PHE A 41 5.73 19.32 -10.74
N PRO A 42 6.88 19.83 -11.23
CA PRO A 42 6.87 20.65 -12.47
C PRO A 42 6.59 19.64 -13.59
N MET A 43 5.58 19.90 -14.41
CA MET A 43 5.24 18.99 -15.51
C MET A 43 6.22 18.94 -16.69
N CYS A 44 6.87 20.07 -16.95
CA CYS A 44 7.76 20.21 -18.10
C CYS A 44 7.00 19.72 -19.34
N SER A 45 7.64 19.00 -20.25
CA SER A 45 7.00 18.59 -21.50
C SER A 45 5.77 17.69 -21.41
N THR A 46 5.50 17.13 -20.24
CA THR A 46 4.32 16.26 -20.16
C THR A 46 3.06 17.14 -20.28
N SER A 47 3.24 18.44 -20.08
CA SER A 47 2.12 19.38 -20.21
C SER A 47 1.63 19.44 -21.67
N LYS A 48 2.44 18.99 -22.61
CA LYS A 48 2.05 19.05 -24.01
C LYS A 48 0.83 18.16 -24.30
N VAL A 49 0.62 17.12 -23.49
CA VAL A 49 -0.53 16.27 -23.69
C VAL A 49 -1.82 17.05 -23.48
N MET A 50 -1.84 17.88 -22.44
CA MET A 50 -3.05 18.65 -22.19
C MET A 50 -3.33 19.68 -23.28
N ALA A 51 -2.28 20.32 -23.80
CA ALA A 51 -2.48 21.32 -24.85
C ALA A 51 -2.98 20.64 -26.12
N ALA A 52 -2.36 19.53 -26.52
CA ALA A 52 -2.83 18.84 -27.72
C ALA A 52 -4.28 18.38 -27.55
N ALA A 53 -4.61 17.86 -26.37
CA ALA A 53 -5.98 17.37 -26.13
C ALA A 53 -6.99 18.51 -26.18
N ALA A 54 -6.59 19.68 -25.70
CA ALA A 54 -7.48 20.85 -25.70
C ALA A 54 -7.81 21.27 -27.15
N VAL A 55 -6.82 21.19 -28.03
CA VAL A 55 -7.02 21.52 -29.45
C VAL A 55 -7.89 20.43 -30.07
N LEU A 56 -7.66 19.17 -29.69
CA LEU A 56 -8.51 18.10 -30.21
C LEU A 56 -9.98 18.37 -29.79
N LYS A 57 -10.17 18.85 -28.56
CA LYS A 57 -11.53 19.15 -28.10
C LYS A 57 -12.16 20.23 -28.98
N GLN A 58 -11.38 21.27 -29.31
CA GLN A 58 -11.89 22.32 -30.16
C GLN A 58 -12.28 21.77 -31.53
N SER A 59 -11.48 20.82 -32.04
CA SER A 59 -11.74 20.25 -33.35
C SER A 59 -13.06 19.45 -33.40
N GLU A 60 -13.65 19.15 -32.24
CA GLU A 60 -14.90 18.41 -32.25
C GLU A 60 -16.04 19.23 -32.85
N THR A 61 -15.94 20.54 -32.77
CA THR A 61 -16.98 21.40 -33.33
C THR A 61 -16.48 22.20 -34.54
N GLN A 62 -15.26 21.90 -34.96
CA GLN A 62 -14.66 22.54 -36.14
C GLN A 62 -13.92 21.44 -36.89
N LYS A 63 -14.63 20.75 -37.77
CA LYS A 63 -14.05 19.64 -38.51
C LYS A 63 -12.78 19.92 -39.32
N GLN A 64 -12.58 21.16 -39.73
CA GLN A 64 -11.36 21.47 -40.49
C GLN A 64 -10.26 22.13 -39.65
N LEU A 65 -10.49 22.25 -38.35
CA LEU A 65 -9.49 22.89 -37.50
C LEU A 65 -8.10 22.31 -37.62
N LEU A 66 -7.99 20.99 -37.57
CA LEU A 66 -6.68 20.35 -37.63
C LEU A 66 -5.95 20.57 -38.95
N ASN A 67 -6.65 21.02 -39.97
CA ASN A 67 -6.03 21.27 -41.27
C ASN A 67 -5.70 22.76 -41.42
N GLN A 68 -6.05 23.55 -40.40
CA GLN A 68 -5.81 24.99 -40.44
C GLN A 68 -4.31 25.29 -40.41
N PRO A 69 -3.82 26.06 -41.40
CA PRO A 69 -2.39 26.36 -41.41
C PRO A 69 -2.04 27.40 -40.37
N VAL A 70 -0.82 27.33 -39.86
CA VAL A 70 -0.33 28.28 -38.87
C VAL A 70 1.06 28.71 -39.32
N GLU A 71 1.27 30.00 -39.43
CA GLU A 71 2.56 30.54 -39.85
C GLU A 71 3.68 30.34 -38.83
N ILE A 72 4.83 29.91 -39.30
CA ILE A 72 5.98 29.72 -38.44
C ILE A 72 7.00 30.75 -38.90
N LYS A 73 7.34 31.69 -38.03
CA LYS A 73 8.29 32.74 -38.35
C LYS A 73 9.64 32.51 -37.66
N PRO A 74 10.72 33.10 -38.20
CA PRO A 74 12.03 32.93 -37.59
C PRO A 74 11.98 33.24 -36.10
N ALA A 75 11.25 34.29 -35.75
CA ALA A 75 11.14 34.70 -34.35
C ALA A 75 10.42 33.71 -33.45
N ASP A 76 9.65 32.80 -34.04
CA ASP A 76 8.92 31.82 -33.24
C ASP A 76 9.79 30.70 -32.69
N LEU A 77 10.94 30.48 -33.31
CA LEU A 77 11.79 29.40 -32.85
C LEU A 77 12.29 29.65 -31.44
N VAL A 78 12.18 28.63 -30.60
CA VAL A 78 12.66 28.72 -29.23
C VAL A 78 13.88 27.82 -29.03
N ASN A 79 13.96 27.10 -27.92
CA ASN A 79 15.15 26.28 -27.64
C ASN A 79 15.31 24.92 -28.30
N TYR A 80 14.21 24.27 -28.60
CA TYR A 80 14.26 22.94 -29.22
C TYR A 80 13.08 22.86 -30.18
N ASN A 81 13.39 22.88 -31.47
CA ASN A 81 12.35 22.88 -32.51
C ASN A 81 12.75 22.03 -33.71
N PRO A 82 12.97 20.73 -33.49
CA PRO A 82 13.37 19.80 -34.56
C PRO A 82 12.48 19.78 -35.78
N ILE A 83 11.18 19.98 -35.58
CA ILE A 83 10.26 19.95 -36.69
C ILE A 83 9.96 21.36 -37.22
N ALA A 84 9.62 22.28 -36.33
CA ALA A 84 9.27 23.61 -36.76
C ALA A 84 10.37 24.36 -37.52
N GLU A 85 11.64 24.12 -37.18
CA GLU A 85 12.70 24.86 -37.89
C GLU A 85 12.69 24.59 -39.39
N LYS A 86 12.18 23.43 -39.80
CA LYS A 86 12.13 23.10 -41.24
C LYS A 86 11.02 23.85 -41.96
N HIS A 87 10.14 24.46 -41.19
CA HIS A 87 8.99 25.17 -41.75
C HIS A 87 8.99 26.68 -41.52
N VAL A 88 10.12 27.23 -41.10
CA VAL A 88 10.20 28.67 -40.89
C VAL A 88 9.89 29.37 -42.22
N ASN A 89 9.14 30.47 -42.14
CA ASN A 89 8.68 31.23 -43.30
C ASN A 89 7.68 30.43 -44.13
N GLY A 90 7.13 29.38 -43.52
CA GLY A 90 6.14 28.54 -44.16
C GLY A 90 5.02 28.32 -43.16
N THR A 91 4.27 27.22 -43.30
CA THR A 91 3.20 26.94 -42.34
C THR A 91 3.18 25.46 -41.95
N MET A 92 2.48 25.20 -40.86
CA MET A 92 2.27 23.86 -40.34
C MET A 92 0.81 23.86 -39.93
N THR A 93 0.11 22.74 -40.12
CA THR A 93 -1.28 22.66 -39.72
C THR A 93 -1.32 22.32 -38.22
N LEU A 94 -2.47 22.53 -37.60
CA LEU A 94 -2.60 22.21 -36.19
C LEU A 94 -2.37 20.71 -35.95
N ALA A 95 -2.72 19.85 -36.92
CA ALA A 95 -2.46 18.42 -36.72
C ALA A 95 -0.94 18.22 -36.74
N GLU A 96 -0.25 18.92 -37.64
CA GLU A 96 1.21 18.77 -37.71
C GLU A 96 1.85 19.28 -36.43
N LEU A 97 1.36 20.41 -35.94
CA LEU A 97 1.91 20.98 -34.69
C LEU A 97 1.65 20.06 -33.51
N SER A 98 0.49 19.44 -33.50
CA SER A 98 0.14 18.53 -32.41
C SER A 98 1.05 17.32 -32.43
N ALA A 99 1.27 16.76 -33.61
CA ALA A 99 2.12 15.58 -33.72
C ALA A 99 3.55 15.95 -33.37
N ALA A 100 4.00 17.12 -33.83
CA ALA A 100 5.37 17.54 -33.53
C ALA A 100 5.56 17.75 -32.04
N ALA A 101 4.59 18.40 -31.39
CA ALA A 101 4.67 18.64 -29.96
C ALA A 101 4.68 17.32 -29.16
N LEU A 102 3.76 16.42 -29.48
CA LEU A 102 3.69 15.18 -28.72
C LEU A 102 4.77 14.15 -29.02
N GLN A 103 5.06 13.95 -30.31
CA GLN A 103 6.01 12.90 -30.68
C GLN A 103 7.48 13.27 -30.69
N TYR A 104 7.76 14.57 -30.79
CA TYR A 104 9.15 15.05 -30.79
C TYR A 104 9.42 16.09 -29.71
N SER A 105 8.37 16.51 -29.02
CA SER A 105 8.48 17.52 -27.96
C SER A 105 8.98 18.85 -28.52
N ASP A 106 8.53 19.17 -29.74
CA ASP A 106 8.91 20.42 -30.39
C ASP A 106 8.30 21.59 -29.62
N ASN A 107 9.14 22.53 -29.18
CA ASN A 107 8.66 23.64 -28.37
C ASN A 107 7.99 24.76 -29.09
N THR A 108 8.40 24.99 -30.34
CA THR A 108 7.72 26.02 -31.12
C THR A 108 6.31 25.46 -31.36
N ALA A 109 6.21 24.16 -31.65
CA ALA A 109 4.90 23.57 -31.91
C ALA A 109 3.99 23.73 -30.68
N MET A 110 4.51 23.42 -29.49
CA MET A 110 3.72 23.61 -28.28
C MET A 110 3.27 25.06 -28.17
N ASN A 111 4.16 26.02 -28.42
CA ASN A 111 3.73 27.41 -28.30
C ASN A 111 2.58 27.78 -29.23
N LYS A 112 2.51 27.13 -30.40
CA LYS A 112 1.42 27.38 -31.34
C LYS A 112 0.14 26.77 -30.78
N LEU A 113 0.24 25.60 -30.14
CA LEU A 113 -0.94 25.00 -29.55
C LEU A 113 -1.46 25.92 -28.43
N ILE A 114 -0.56 26.42 -27.60
CA ILE A 114 -0.94 27.31 -26.50
C ILE A 114 -1.59 28.58 -27.04
N ALA A 115 -1.03 29.15 -28.10
CA ALA A 115 -1.58 30.36 -28.70
C ALA A 115 -2.99 30.08 -29.26
N GLN A 116 -3.18 28.91 -29.85
CA GLN A 116 -4.48 28.54 -30.40
C GLN A 116 -5.55 28.45 -29.30
N LEU A 117 -5.12 28.19 -28.07
CA LEU A 117 -6.03 28.08 -26.93
C LEU A 117 -6.13 29.40 -26.19
N GLY A 118 -5.47 30.42 -26.74
CA GLY A 118 -5.51 31.75 -26.14
C GLY A 118 -4.55 32.02 -25.00
N GLY A 119 -3.50 31.20 -24.87
CA GLY A 119 -2.55 31.40 -23.79
C GLY A 119 -2.52 30.24 -22.82
N PRO A 120 -1.54 30.20 -21.92
CA PRO A 120 -1.43 29.10 -20.93
C PRO A 120 -2.74 28.83 -20.18
N GLY A 121 -3.44 29.91 -19.82
CA GLY A 121 -4.71 29.81 -19.10
C GLY A 121 -5.78 29.05 -19.87
N GLY A 122 -5.67 29.03 -21.20
CA GLY A 122 -6.63 28.28 -21.99
C GLY A 122 -6.44 26.80 -21.80
N VAL A 123 -5.19 26.39 -21.53
CA VAL A 123 -4.91 24.98 -21.33
C VAL A 123 -5.46 24.62 -19.96
N THR A 124 -5.23 25.47 -18.97
CA THR A 124 -5.75 25.25 -17.63
C THR A 124 -7.28 25.16 -17.67
N ALA A 125 -7.90 26.07 -18.43
CA ALA A 125 -9.35 26.07 -18.55
C ALA A 125 -9.89 24.74 -19.08
N PHE A 126 -9.21 24.17 -20.09
CA PHE A 126 -9.64 22.88 -20.63
C PHE A 126 -9.50 21.81 -19.54
N ALA A 127 -8.40 21.86 -18.79
CA ALA A 127 -8.21 20.89 -17.72
C ALA A 127 -9.38 20.94 -16.74
N ARG A 128 -9.78 22.14 -16.35
CA ARG A 128 -10.89 22.27 -15.41
C ARG A 128 -12.17 21.73 -16.01
N ALA A 129 -12.38 21.96 -17.31
CA ALA A 129 -13.59 21.50 -18.00
C ALA A 129 -13.70 19.98 -17.97
N ILE A 130 -12.56 19.29 -17.96
CA ILE A 130 -12.64 17.83 -17.91
C ILE A 130 -12.52 17.26 -16.51
N GLY A 131 -12.65 18.12 -15.50
CA GLY A 131 -12.62 17.66 -14.12
C GLY A 131 -11.30 17.68 -13.37
N ASP A 132 -10.26 18.21 -13.99
CA ASP A 132 -8.94 18.26 -13.35
C ASP A 132 -8.83 19.62 -12.66
N GLU A 133 -8.91 19.63 -11.33
CA GLU A 133 -8.82 20.87 -10.57
C GLU A 133 -7.40 21.19 -10.08
N THR A 134 -6.44 20.36 -10.48
CA THR A 134 -5.06 20.46 -10.02
C THR A 134 -4.07 21.05 -11.01
N PHE A 135 -4.16 20.60 -12.25
CA PHE A 135 -3.31 21.05 -13.33
C PHE A 135 -3.33 22.56 -13.51
N ARG A 136 -2.16 23.15 -13.75
CA ARG A 136 -2.08 24.56 -14.04
C ARG A 136 -0.92 24.85 -14.98
N LEU A 137 -1.21 25.53 -16.09
CA LEU A 137 -0.16 25.93 -17.02
C LEU A 137 -0.15 27.46 -16.90
N ASP A 138 1.02 28.01 -16.59
CA ASP A 138 1.19 29.44 -16.34
C ASP A 138 2.04 30.20 -17.33
N ARG A 139 2.92 29.48 -18.01
CA ARG A 139 3.84 30.09 -18.95
C ARG A 139 3.94 29.32 -20.26
N THR A 140 4.62 29.93 -21.23
CA THR A 140 4.85 29.32 -22.53
C THR A 140 6.23 28.62 -22.52
N GLU A 141 6.59 28.02 -23.66
CA GLU A 141 7.89 27.39 -23.80
C GLU A 141 8.86 28.55 -24.06
N PRO A 142 10.07 28.48 -23.51
CA PRO A 142 10.63 27.41 -22.68
C PRO A 142 10.59 27.66 -21.18
N THR A 143 10.10 28.82 -20.75
CA THR A 143 10.13 29.10 -19.32
C THR A 143 9.23 28.25 -18.44
N LEU A 144 8.25 27.56 -19.03
CA LEU A 144 7.36 26.73 -18.21
C LEU A 144 8.12 25.56 -17.61
N ASN A 145 9.37 25.38 -18.05
CA ASN A 145 10.22 24.28 -17.57
C ASN A 145 11.29 24.67 -16.56
N THR A 146 11.21 25.84 -15.95
CA THR A 146 12.24 26.23 -14.97
C THR A 146 12.29 25.28 -13.78
N ALA A 147 11.15 24.66 -13.46
CA ALA A 147 11.06 23.64 -12.41
C ALA A 147 11.66 23.98 -11.06
N ILE A 148 11.51 25.22 -10.63
CA ILE A 148 12.07 25.66 -9.36
C ILE A 148 11.37 24.99 -8.18
N PRO A 149 12.13 24.43 -7.22
CA PRO A 149 11.42 23.79 -6.11
C PRO A 149 10.53 24.79 -5.38
N GLY A 150 9.33 24.33 -5.00
CA GLY A 150 8.38 25.16 -4.29
C GLY A 150 7.55 26.07 -5.16
N ASP A 151 7.89 26.19 -6.43
CA ASP A 151 7.16 27.06 -7.36
C ASP A 151 5.90 26.33 -7.86
N PRO A 152 4.71 26.89 -7.62
CA PRO A 152 3.49 26.20 -8.08
C PRO A 152 3.19 26.34 -9.57
N ARG A 153 3.88 27.24 -10.27
CA ARG A 153 3.61 27.42 -11.68
C ARG A 153 3.92 26.17 -12.50
N ASP A 154 3.05 25.89 -13.47
CA ASP A 154 3.26 24.78 -14.38
C ASP A 154 3.48 23.44 -13.70
N THR A 155 2.65 23.18 -12.71
CA THR A 155 2.73 21.94 -11.94
C THR A 155 1.39 21.22 -11.91
N THR A 156 1.45 19.98 -11.41
CA THR A 156 0.28 19.17 -11.15
C THR A 156 0.77 18.08 -10.21
N THR A 157 -0.12 17.18 -9.80
CA THR A 157 0.26 16.09 -8.92
C THR A 157 0.16 14.78 -9.70
N PRO A 158 0.88 13.73 -9.25
CA PRO A 158 0.79 12.47 -10.00
C PRO A 158 -0.65 11.94 -10.05
N ARG A 159 -1.37 12.03 -8.94
CA ARG A 159 -2.75 11.54 -8.90
C ARG A 159 -3.62 12.25 -9.93
N ALA A 160 -3.48 13.56 -9.99
CA ALA A 160 -4.31 14.31 -10.91
C ALA A 160 -3.99 14.00 -12.36
N MET A 161 -2.71 13.91 -12.70
N MET A 161 -2.71 13.89 -12.70
CA MET A 161 -2.34 13.66 -14.07
CA MET A 161 -2.33 13.63 -14.08
C MET A 161 -2.73 12.24 -14.52
C MET A 161 -2.70 12.22 -14.53
N ALA A 162 -2.63 11.26 -13.62
CA ALA A 162 -3.00 9.90 -13.99
C ALA A 162 -4.51 9.85 -14.29
N GLN A 163 -5.30 10.49 -13.44
CA GLN A 163 -6.75 10.51 -13.65
C GLN A 163 -7.12 11.19 -14.97
N THR A 164 -6.51 12.34 -15.23
CA THR A 164 -6.78 13.06 -16.47
C THR A 164 -6.31 12.27 -17.69
N LEU A 165 -5.13 11.65 -17.62
CA LEU A 165 -4.65 10.87 -18.76
C LEU A 165 -5.60 9.70 -19.02
N ARG A 166 -6.14 9.11 -17.96
CA ARG A 166 -7.09 8.01 -18.16
C ARG A 166 -8.35 8.53 -18.86
N GLN A 167 -8.89 9.65 -18.39
CA GLN A 167 -10.08 10.21 -18.99
C GLN A 167 -9.85 10.57 -20.46
N LEU A 168 -8.68 11.11 -20.78
CA LEU A 168 -8.40 11.49 -22.15
C LEU A 168 -8.19 10.35 -23.10
N THR A 169 -7.53 9.29 -22.63
CA THR A 169 -7.20 8.19 -23.53
C THR A 169 -8.06 6.97 -23.47
N LEU A 170 -8.69 6.73 -22.34
CA LEU A 170 -9.52 5.53 -22.17
C LEU A 170 -10.96 5.88 -21.83
N GLY A 171 -11.19 7.14 -21.46
CA GLY A 171 -12.52 7.55 -21.09
C GLY A 171 -13.20 8.41 -22.14
N HIS A 172 -14.04 9.38 -21.71
CA HIS A 172 -14.92 10.09 -22.66
C HIS A 172 -14.68 11.57 -22.55
N ALA A 173 -13.50 12.05 -22.15
CA ALA A 173 -13.24 13.50 -22.10
C ALA A 173 -13.27 14.07 -23.51
N LEU A 174 -12.85 13.24 -24.47
CA LEU A 174 -12.81 13.62 -25.88
C LEU A 174 -13.75 12.75 -26.70
N GLY A 175 -14.17 13.25 -27.88
CA GLY A 175 -15.02 12.46 -28.75
C GLY A 175 -14.23 11.23 -29.17
N GLU A 176 -14.93 10.21 -29.68
CA GLU A 176 -14.29 8.96 -30.07
C GLU A 176 -13.14 9.11 -31.06
N THR A 177 -13.35 9.90 -32.10
CA THR A 177 -12.32 10.09 -33.13
C THR A 177 -11.10 10.82 -32.55
N GLN A 178 -11.35 11.79 -31.70
CA GLN A 178 -10.28 12.57 -31.09
C GLN A 178 -9.49 11.72 -30.09
N ARG A 179 -10.19 10.92 -29.30
CA ARG A 179 -9.53 10.05 -28.32
C ARG A 179 -8.60 9.10 -29.08
N ALA A 180 -9.08 8.55 -30.20
CA ALA A 180 -8.26 7.64 -31.00
C ALA A 180 -7.05 8.35 -31.57
N GLN A 181 -7.22 9.59 -32.01
CA GLN A 181 -6.09 10.35 -32.57
C GLN A 181 -5.03 10.62 -31.50
N LEU A 182 -5.46 10.94 -30.29
CA LEU A 182 -4.52 11.20 -29.20
C LEU A 182 -3.72 9.94 -28.90
N VAL A 183 -4.42 8.81 -28.80
CA VAL A 183 -3.73 7.55 -28.52
C VAL A 183 -2.76 7.21 -29.63
N THR A 184 -3.17 7.42 -30.88
CA THR A 184 -2.29 7.14 -32.00
C THR A 184 -1.02 7.98 -31.89
N TRP A 185 -1.17 9.26 -31.57
CA TRP A 185 0.03 10.11 -31.45
C TRP A 185 0.92 9.63 -30.30
N LEU A 186 0.34 9.36 -29.13
CA LEU A 186 1.12 8.91 -27.99
C LEU A 186 1.87 7.63 -28.27
N LYS A 187 1.22 6.69 -28.96
CA LYS A 187 1.86 5.42 -29.29
C LYS A 187 2.99 5.60 -30.29
N GLY A 188 2.96 6.72 -31.00
CA GLY A 188 4.02 7.00 -31.95
C GLY A 188 5.11 7.91 -31.39
N ASN A 189 5.13 8.10 -30.07
CA ASN A 189 6.15 8.94 -29.46
C ASN A 189 7.56 8.42 -29.80
N THR A 190 8.51 9.33 -30.01
CA THR A 190 9.88 8.91 -30.34
C THR A 190 10.84 9.07 -29.17
N THR A 191 10.39 9.68 -28.09
CA THR A 191 11.31 9.96 -27.00
C THR A 191 11.23 9.14 -25.74
N GLY A 192 10.39 8.10 -25.70
CA GLY A 192 10.20 7.44 -24.40
C GLY A 192 10.85 6.09 -24.12
N ALA A 193 11.64 5.51 -25.03
CA ALA A 193 12.22 4.19 -24.80
C ALA A 193 13.09 4.02 -23.54
N ALA A 194 13.65 5.10 -23.00
CA ALA A 194 14.51 5.00 -21.81
C ALA A 194 13.81 5.30 -20.49
N SER A 195 12.55 5.67 -20.59
CA SER A 195 11.81 6.07 -19.40
C SER A 195 10.87 4.99 -18.87
N ILE A 196 9.57 5.28 -18.72
CA ILE A 196 8.67 4.25 -18.18
C ILE A 196 8.77 2.95 -18.95
N ARG A 197 8.81 3.05 -20.27
CA ARG A 197 8.85 1.85 -21.08
C ARG A 197 10.10 0.98 -20.92
N ALA A 198 11.18 1.56 -20.43
CA ALA A 198 12.39 0.77 -20.21
C ALA A 198 12.17 -0.16 -19.01
N GLY A 199 11.22 0.16 -18.15
CA GLY A 199 10.96 -0.68 -16.99
C GLY A 199 9.85 -1.71 -17.20
N LEU A 200 9.27 -1.73 -18.39
CA LEU A 200 8.18 -2.67 -18.70
C LEU A 200 8.58 -3.80 -19.63
N PRO A 201 7.87 -4.94 -19.55
CA PRO A 201 8.19 -6.07 -20.44
C PRO A 201 8.04 -5.57 -21.88
N THR A 202 8.91 -6.03 -22.78
CA THR A 202 8.86 -5.57 -24.17
C THR A 202 7.53 -5.81 -24.88
N SER A 203 6.87 -6.91 -24.54
CA SER A 203 5.59 -7.26 -25.18
C SER A 203 4.51 -6.24 -24.91
N TRP A 204 4.61 -5.57 -23.77
CA TRP A 204 3.61 -4.57 -23.41
C TRP A 204 3.76 -3.40 -24.37
N THR A 205 2.65 -2.94 -24.93
CA THR A 205 2.71 -1.81 -25.85
C THR A 205 2.25 -0.59 -25.04
N ALA A 206 2.71 0.58 -25.44
CA ALA A 206 2.33 1.77 -24.71
C ALA A 206 2.51 3.03 -25.54
N GLY A 207 1.94 4.11 -25.02
CA GLY A 207 2.10 5.42 -25.60
C GLY A 207 2.52 6.29 -24.43
N ASP A 208 3.36 7.27 -24.66
CA ASP A 208 3.77 8.11 -23.55
C ASP A 208 4.23 9.50 -24.00
N LYS A 209 4.41 10.37 -23.02
CA LYS A 209 4.94 11.72 -23.25
C LYS A 209 5.95 11.99 -22.14
N THR A 210 7.19 12.24 -22.52
CA THR A 210 8.26 12.50 -21.55
C THR A 210 8.42 13.99 -21.27
N GLY A 211 9.26 14.31 -20.30
CA GLY A 211 9.52 15.71 -20.00
C GLY A 211 10.84 15.82 -19.28
N SER A 212 11.53 16.94 -19.51
N SER A 212 11.53 16.94 -19.49
CA SER A 212 12.82 17.22 -18.90
CA SER A 212 12.80 17.19 -18.81
C SER A 212 12.90 18.72 -18.63
C SER A 212 12.89 18.70 -18.61
N GLY A 213 13.48 19.11 -17.51
CA GLY A 213 13.59 20.53 -17.22
C GLY A 213 14.78 20.80 -16.32
N ASP A 214 14.88 22.03 -15.83
CA ASP A 214 15.96 22.36 -14.92
C ASP A 214 15.74 21.56 -13.63
N TYR A 215 16.71 21.59 -12.72
CA TYR A 215 16.63 20.80 -11.47
C TYR A 215 16.59 19.34 -11.77
N GLY A 216 17.21 18.95 -12.90
CA GLY A 216 17.26 17.54 -13.27
C GLY A 216 15.88 16.91 -13.30
N THR A 217 14.88 17.71 -13.62
CA THR A 217 13.53 17.20 -13.65
C THR A 217 13.39 16.20 -14.81
N THR A 218 12.88 15.02 -14.48
CA THR A 218 12.75 13.93 -15.46
C THR A 218 11.38 13.28 -15.26
N ASN A 219 10.52 13.44 -16.26
CA ASN A 219 9.14 12.97 -16.19
C ASN A 219 8.70 12.07 -17.34
N ASP A 220 7.59 11.39 -17.10
CA ASP A 220 6.98 10.56 -18.15
C ASP A 220 5.56 10.19 -17.72
N ILE A 221 4.62 10.25 -18.67
CA ILE A 221 3.25 9.82 -18.38
C ILE A 221 2.89 8.84 -19.49
N ALA A 222 2.29 7.71 -19.12
CA ALA A 222 1.99 6.68 -20.11
C ALA A 222 0.68 5.95 -19.95
N VAL A 223 0.18 5.45 -21.07
CA VAL A 223 -0.97 4.57 -21.10
C VAL A 223 -0.38 3.26 -21.57
N ILE A 224 -0.61 2.20 -20.84
CA ILE A 224 0.04 0.93 -21.14
C ILE A 224 -0.98 -0.18 -21.38
N TRP A 225 -0.70 -1.04 -22.34
CA TRP A 225 -1.56 -2.18 -22.65
C TRP A 225 -0.75 -3.45 -22.40
N PRO A 226 -0.77 -3.95 -21.15
CA PRO A 226 -0.02 -5.18 -20.83
C PRO A 226 -0.59 -6.35 -21.61
N GLN A 227 0.24 -7.36 -21.82
CA GLN A 227 -0.18 -8.55 -22.53
C GLN A 227 -1.21 -9.24 -21.66
N GLY A 228 -2.41 -9.48 -22.18
CA GLY A 228 -3.44 -10.22 -21.46
C GLY A 228 -4.22 -9.54 -20.35
N ARG A 229 -4.05 -8.23 -20.13
CA ARG A 229 -4.84 -7.57 -19.08
C ARG A 229 -5.26 -6.17 -19.45
N ALA A 230 -6.19 -5.60 -18.69
CA ALA A 230 -6.72 -4.27 -18.97
C ALA A 230 -5.60 -3.23 -18.94
N PRO A 231 -5.78 -2.11 -19.67
CA PRO A 231 -4.70 -1.10 -19.65
C PRO A 231 -4.42 -0.45 -18.30
N LEU A 232 -3.23 0.14 -18.22
CA LEU A 232 -2.77 0.84 -17.02
C LEU A 232 -2.45 2.25 -17.43
N VAL A 233 -2.58 3.18 -16.49
CA VAL A 233 -2.20 4.54 -16.73
C VAL A 233 -1.13 4.77 -15.67
N LEU A 234 0.05 5.24 -16.08
CA LEU A 234 1.12 5.45 -15.12
C LEU A 234 1.82 6.78 -15.28
N VAL A 235 2.02 7.48 -14.17
CA VAL A 235 2.73 8.76 -14.19
C VAL A 235 3.94 8.65 -13.27
N THR A 236 5.10 9.08 -13.76
CA THR A 236 6.33 9.10 -12.95
C THR A 236 7.00 10.45 -13.10
N TYR A 237 7.06 11.18 -11.98
CA TYR A 237 7.68 12.48 -11.91
C TYR A 237 8.90 12.43 -11.02
N PHE A 238 9.96 13.13 -11.38
CA PHE A 238 11.20 13.13 -10.59
C PHE A 238 11.89 14.48 -10.69
N THR A 239 12.30 15.03 -9.56
CA THR A 239 12.99 16.33 -9.59
C THR A 239 14.09 16.35 -8.53
N GLN A 240 15.14 17.13 -8.75
CA GLN A 240 16.29 17.15 -7.87
C GLN A 240 16.59 18.52 -7.26
N PRO A 241 17.37 18.55 -6.18
CA PRO A 241 17.73 19.78 -5.46
C PRO A 241 18.55 20.86 -6.15
N GLN A 242 19.42 20.46 -7.06
CA GLN A 242 20.28 21.42 -7.73
C GLN A 242 19.81 21.77 -9.13
N GLN A 243 19.87 23.05 -9.45
CA GLN A 243 19.39 23.51 -10.75
C GLN A 243 20.02 22.82 -11.97
N ASN A 244 21.31 22.49 -11.90
CA ASN A 244 21.99 21.87 -13.04
C ASN A 244 22.10 20.35 -12.96
N ALA A 245 21.27 19.74 -12.13
CA ALA A 245 21.32 18.28 -11.98
C ALA A 245 21.07 17.60 -13.33
N GLU A 246 21.65 16.41 -13.50
CA GLU A 246 21.52 15.62 -14.72
C GLU A 246 20.18 14.88 -14.77
N SER A 247 19.71 14.55 -15.97
CA SER A 247 18.47 13.79 -16.11
C SER A 247 18.68 12.40 -15.56
N ARG A 248 17.60 11.78 -15.09
CA ARG A 248 17.67 10.43 -14.54
C ARG A 248 16.49 9.60 -15.08
N ARG A 249 16.50 9.32 -16.38
CA ARG A 249 15.42 8.53 -16.94
C ARG A 249 15.43 7.12 -16.34
N ASP A 250 16.60 6.67 -15.89
CA ASP A 250 16.72 5.34 -15.31
C ASP A 250 15.89 5.22 -14.03
N VAL A 251 15.70 6.33 -13.32
CA VAL A 251 14.90 6.30 -12.10
C VAL A 251 13.46 6.06 -12.49
N LEU A 252 13.02 6.65 -13.61
CA LEU A 252 11.66 6.44 -14.05
C LEU A 252 11.47 5.00 -14.47
N ALA A 253 12.45 4.44 -15.16
CA ALA A 253 12.35 3.05 -15.59
C ALA A 253 12.30 2.14 -14.36
N SER A 254 13.10 2.46 -13.33
CA SER A 254 13.12 1.67 -12.09
C SER A 254 11.77 1.69 -11.40
N ALA A 255 11.14 2.85 -11.38
CA ALA A 255 9.84 3.00 -10.77
C ALA A 255 8.83 2.16 -11.54
N ALA A 256 8.91 2.22 -12.87
CA ALA A 256 7.98 1.48 -13.70
C ALA A 256 8.15 -0.02 -13.52
N ARG A 257 9.38 -0.45 -13.29
CA ARG A 257 9.66 -1.85 -13.10
C ARG A 257 9.08 -2.35 -11.78
N ILE A 258 9.18 -1.52 -10.76
CA ILE A 258 8.63 -1.87 -9.45
C ILE A 258 7.12 -2.00 -9.60
N ILE A 259 6.51 -1.07 -10.32
CA ILE A 259 5.06 -1.12 -10.54
C ILE A 259 4.66 -2.40 -11.31
N ALA A 260 5.39 -2.70 -12.38
CA ALA A 260 5.09 -3.87 -13.21
C ALA A 260 5.22 -5.18 -12.43
N GLU A 261 6.28 -5.28 -11.65
CA GLU A 261 6.53 -6.48 -10.86
C GLU A 261 5.49 -6.59 -9.73
N GLY A 262 4.91 -5.46 -9.34
CA GLY A 262 3.94 -5.46 -8.27
C GLY A 262 2.52 -5.84 -8.68
N LEU A 263 2.27 -5.91 -9.98
CA LEU A 263 0.93 -6.26 -10.46
C LEU A 263 0.63 -7.72 -10.19
N SER B 3 -25.19 -22.79 9.30
CA SER B 3 -25.81 -23.50 10.44
C SER B 3 -26.47 -22.52 11.40
N ALA B 4 -26.96 -23.05 12.52
CA ALA B 4 -27.62 -22.22 13.54
C ALA B 4 -26.60 -21.21 14.08
N VAL B 5 -25.42 -21.70 14.44
CA VAL B 5 -24.36 -20.84 14.96
C VAL B 5 -24.05 -19.72 13.96
N GLN B 6 -24.10 -20.06 12.67
CA GLN B 6 -23.82 -19.08 11.62
C GLN B 6 -24.75 -17.88 11.68
N GLN B 7 -26.04 -18.14 11.83
CA GLN B 7 -27.03 -17.08 11.91
C GLN B 7 -26.73 -16.24 13.15
N LYS B 8 -26.43 -16.90 14.26
CA LYS B 8 -26.17 -16.19 15.51
C LYS B 8 -24.94 -15.29 15.44
N LEU B 9 -23.88 -15.78 14.80
CA LEU B 9 -22.68 -14.99 14.67
C LEU B 9 -22.92 -13.81 13.73
N ALA B 10 -23.66 -14.02 12.66
CA ALA B 10 -23.93 -12.94 11.73
C ALA B 10 -24.75 -11.85 12.43
N ALA B 11 -25.70 -12.27 13.26
CA ALA B 11 -26.56 -11.33 13.99
C ALA B 11 -25.74 -10.53 15.02
N LEU B 12 -24.85 -11.20 15.74
CA LEU B 12 -24.00 -10.52 16.71
C LEU B 12 -23.17 -9.49 15.98
N GLU B 13 -22.60 -9.88 14.83
CA GLU B 13 -21.78 -8.96 14.06
C GLU B 13 -22.57 -7.74 13.61
N LYS B 14 -23.80 -7.97 13.15
CA LYS B 14 -24.61 -6.86 12.67
C LYS B 14 -24.87 -5.88 13.83
N SER B 15 -25.21 -6.43 14.98
N SER B 15 -25.22 -6.41 14.99
CA SER B 15 -25.48 -5.62 16.17
CA SER B 15 -25.48 -5.55 16.13
C SER B 15 -24.25 -4.85 16.60
C SER B 15 -24.23 -4.82 16.57
N SER B 16 -23.07 -5.46 16.43
CA SER B 16 -21.80 -4.85 16.83
C SER B 16 -21.33 -3.68 15.98
N GLY B 17 -21.79 -3.62 14.74
CA GLY B 17 -21.36 -2.55 13.86
C GLY B 17 -19.99 -2.77 13.23
N GLY B 18 -19.30 -3.84 13.63
CA GLY B 18 -17.98 -4.09 13.09
C GLY B 18 -17.86 -5.34 12.23
N ARG B 19 -16.62 -5.84 12.11
CA ARG B 19 -16.30 -7.04 11.32
C ARG B 19 -15.76 -8.11 12.28
N LEU B 20 -16.45 -9.23 12.35
CA LEU B 20 -16.11 -10.32 13.25
C LEU B 20 -15.55 -11.53 12.53
N GLY B 21 -14.48 -12.10 13.10
CA GLY B 21 -13.85 -13.29 12.52
C GLY B 21 -13.78 -14.38 13.60
N VAL B 22 -14.33 -15.55 13.31
CA VAL B 22 -14.32 -16.64 14.29
C VAL B 22 -13.86 -17.96 13.68
N ALA B 23 -13.04 -18.70 14.42
CA ALA B 23 -12.63 -20.02 13.97
C ALA B 23 -12.51 -20.93 15.18
N LEU B 24 -13.30 -21.99 15.17
CA LEU B 24 -13.28 -22.99 16.23
C LEU B 24 -12.76 -24.32 15.68
N ILE B 25 -11.93 -25.00 16.45
CA ILE B 25 -11.51 -26.35 16.09
C ILE B 25 -11.86 -27.16 17.33
N ASP B 26 -12.73 -28.16 17.15
CA ASP B 26 -13.10 -29.02 18.26
C ASP B 26 -12.22 -30.27 18.09
N THR B 27 -11.21 -30.45 18.94
CA THR B 27 -10.30 -31.59 18.78
C THR B 27 -10.90 -32.96 19.11
N ALA B 28 -12.13 -33.00 19.59
CA ALA B 28 -12.75 -34.29 19.87
C ALA B 28 -13.02 -35.00 18.54
N ASP B 29 -13.35 -34.22 17.52
CA ASP B 29 -13.66 -34.80 16.20
C ASP B 29 -13.13 -34.01 15.01
N ASN B 30 -12.37 -32.96 15.30
CA ASN B 30 -11.81 -32.09 14.26
C ASN B 30 -12.86 -31.31 13.50
N THR B 31 -14.03 -31.11 14.09
CA THR B 31 -15.06 -30.33 13.41
C THR B 31 -14.70 -28.85 13.61
N GLN B 32 -15.30 -27.99 12.80
CA GLN B 32 -14.99 -26.57 12.89
C GLN B 32 -16.21 -25.70 12.69
N VAL B 33 -16.06 -24.47 13.14
CA VAL B 33 -17.07 -23.45 12.96
C VAL B 33 -16.28 -22.25 12.48
N LEU B 34 -16.64 -21.74 11.33
CA LEU B 34 -15.92 -20.61 10.75
C LEU B 34 -16.85 -19.49 10.38
N TYR B 35 -16.52 -18.28 10.76
CA TYR B 35 -17.18 -17.08 10.26
C TYR B 35 -16.16 -16.02 9.84
N ARG B 36 -16.16 -15.79 8.55
CA ARG B 36 -15.14 -14.95 7.92
C ARG B 36 -13.80 -15.59 8.28
N GLY B 37 -13.81 -16.91 8.29
CA GLY B 37 -12.61 -17.65 8.66
C GLY B 37 -11.39 -17.44 7.78
N ASP B 38 -11.60 -17.00 6.55
CA ASP B 38 -10.48 -16.79 5.63
C ASP B 38 -10.14 -15.35 5.32
N GLU B 39 -10.79 -14.43 6.03
CA GLU B 39 -10.48 -13.01 5.87
C GLU B 39 -9.31 -12.67 6.78
N ARG B 40 -8.50 -11.69 6.39
CA ARG B 40 -7.38 -11.27 7.23
C ARG B 40 -7.86 -10.25 8.25
N PHE B 41 -7.30 -10.31 9.43
CA PHE B 41 -7.61 -9.39 10.52
C PHE B 41 -6.29 -8.96 11.17
N PRO B 42 -6.23 -7.72 11.69
CA PRO B 42 -5.01 -7.25 12.34
C PRO B 42 -4.90 -8.09 13.64
N MET B 43 -3.78 -8.77 13.83
CA MET B 43 -3.57 -9.62 15.00
C MET B 43 -3.37 -8.86 16.31
N CYS B 44 -2.73 -7.69 16.23
CA CYS B 44 -2.41 -6.93 17.41
C CYS B 44 -1.67 -7.84 18.41
N SER B 45 -1.92 -7.70 19.70
CA SER B 45 -1.19 -8.49 20.70
C SER B 45 -1.29 -10.01 20.60
N THR B 46 -2.21 -10.54 19.80
CA THR B 46 -2.28 -12.00 19.73
C THR B 46 -1.03 -12.52 19.01
N SER B 47 -0.32 -11.62 18.33
CA SER B 47 0.89 -11.98 17.61
C SER B 47 2.01 -12.37 18.57
N LYS B 48 1.88 -11.96 19.83
CA LYS B 48 2.89 -12.27 20.84
C LYS B 48 3.02 -13.80 21.04
N VAL B 49 1.96 -14.55 20.77
CA VAL B 49 2.04 -16.00 20.93
C VAL B 49 3.06 -16.61 19.96
N MET B 50 3.04 -16.15 18.71
CA MET B 50 3.96 -16.66 17.70
C MET B 50 5.41 -16.29 18.03
N ALA B 51 5.62 -15.07 18.52
CA ALA B 51 6.97 -14.65 18.87
C ALA B 51 7.51 -15.45 20.06
N ALA B 52 6.70 -15.61 21.11
CA ALA B 52 7.15 -16.40 22.27
C ALA B 52 7.41 -17.86 21.85
N ALA B 53 6.52 -18.42 21.03
CA ALA B 53 6.69 -19.79 20.54
C ALA B 53 7.97 -19.95 19.71
N ALA B 54 8.29 -18.93 18.91
CA ALA B 54 9.49 -18.97 18.07
C ALA B 54 10.75 -19.03 18.93
N VAL B 55 10.72 -18.27 20.03
CA VAL B 55 11.87 -18.27 20.95
C VAL B 55 11.93 -19.61 21.67
N LEU B 56 10.77 -20.19 22.00
CA LEU B 56 10.76 -21.51 22.63
C LEU B 56 11.40 -22.53 21.68
N LYS B 57 11.08 -22.44 20.39
CA LYS B 57 11.65 -23.36 19.41
C LYS B 57 13.16 -23.16 19.34
N GLN B 58 13.62 -21.92 19.45
CA GLN B 58 15.06 -21.69 19.41
C GLN B 58 15.70 -22.35 20.62
N SER B 59 15.00 -22.28 21.76
CA SER B 59 15.55 -22.86 22.98
C SER B 59 15.68 -24.39 22.92
N GLU B 60 15.06 -25.03 21.91
CA GLU B 60 15.18 -26.47 21.80
C GLU B 60 16.60 -26.88 21.43
N THR B 61 17.32 -26.01 20.70
CA THR B 61 18.71 -26.31 20.31
C THR B 61 19.75 -25.44 21.05
N GLN B 62 19.33 -24.25 21.46
CA GLN B 62 20.14 -23.37 22.28
C GLN B 62 19.66 -23.58 23.69
N LYS B 63 20.14 -24.65 24.31
CA LYS B 63 19.63 -25.12 25.60
C LYS B 63 19.52 -24.13 26.76
N GLN B 64 20.40 -23.14 26.87
CA GLN B 64 20.32 -22.19 27.97
C GLN B 64 19.76 -20.85 27.50
N LEU B 65 19.19 -20.81 26.31
CA LEU B 65 18.68 -19.55 25.77
C LEU B 65 17.70 -18.82 26.66
N LEU B 66 16.75 -19.54 27.23
CA LEU B 66 15.74 -18.89 28.06
C LEU B 66 16.27 -18.20 29.30
N ASN B 67 17.49 -18.55 29.72
CA ASN B 67 18.08 -17.93 30.90
C ASN B 67 19.06 -16.81 30.56
N GLN B 68 19.21 -16.52 29.27
CA GLN B 68 20.11 -15.47 28.82
C GLN B 68 19.58 -14.09 29.25
N PRO B 69 20.45 -13.28 29.86
CA PRO B 69 20.02 -11.93 30.29
C PRO B 69 19.95 -11.00 29.09
N VAL B 70 18.96 -10.12 29.08
CA VAL B 70 18.79 -9.17 27.99
C VAL B 70 18.69 -7.78 28.59
N GLU B 71 19.51 -6.87 28.09
CA GLU B 71 19.50 -5.50 28.60
C GLU B 71 18.20 -4.75 28.31
N ILE B 72 17.69 -4.05 29.33
CA ILE B 72 16.49 -3.24 29.15
C ILE B 72 16.95 -1.79 29.36
N LYS B 73 16.93 -0.99 28.30
CA LYS B 73 17.37 0.41 28.40
C LYS B 73 16.16 1.32 28.40
N PRO B 74 16.31 2.53 28.99
CA PRO B 74 15.21 3.49 29.04
C PRO B 74 14.60 3.71 27.65
N ALA B 75 15.47 3.79 26.64
CA ALA B 75 15.03 4.01 25.26
C ALA B 75 14.22 2.86 24.66
N ASP B 76 14.27 1.69 25.28
CA ASP B 76 13.52 0.54 24.79
C ASP B 76 12.04 0.62 25.14
N LEU B 77 11.68 1.38 26.18
CA LEU B 77 10.28 1.46 26.57
C LEU B 77 9.41 2.06 25.48
N VAL B 78 8.27 1.42 25.24
CA VAL B 78 7.35 1.91 24.25
C VAL B 78 6.07 2.38 24.94
N ASN B 79 4.89 2.02 24.44
CA ASN B 79 3.63 2.51 25.01
C ASN B 79 3.04 1.82 26.22
N TYR B 80 3.36 0.56 26.43
CA TYR B 80 2.81 -0.18 27.55
C TYR B 80 3.85 -1.21 27.97
N ASN B 81 4.46 -0.99 29.13
CA ASN B 81 5.55 -1.85 29.58
C ASN B 81 5.44 -2.10 31.08
N PRO B 82 4.34 -2.73 31.53
CA PRO B 82 4.12 -3.02 32.95
C PRO B 82 5.20 -3.78 33.69
N ILE B 83 5.88 -4.68 33.00
CA ILE B 83 6.92 -5.46 33.63
C ILE B 83 8.31 -4.85 33.34
N ALA B 84 8.57 -4.59 32.06
CA ALA B 84 9.87 -4.03 31.68
C ALA B 84 10.26 -2.71 32.34
N GLU B 85 9.29 -1.85 32.65
CA GLU B 85 9.66 -0.57 33.26
C GLU B 85 10.35 -0.74 34.62
N LYS B 86 10.09 -1.85 35.28
CA LYS B 86 10.71 -2.09 36.57
C LYS B 86 12.15 -2.57 36.48
N HIS B 87 12.58 -2.93 35.27
CA HIS B 87 13.93 -3.44 35.05
C HIS B 87 14.79 -2.57 34.14
N VAL B 88 14.36 -1.32 33.92
CA VAL B 88 15.13 -0.41 33.09
C VAL B 88 16.50 -0.24 33.73
N ASN B 89 17.54 -0.13 32.90
CA ASN B 89 18.93 -0.04 33.38
C ASN B 89 19.28 -1.32 34.14
N GLY B 90 18.65 -2.41 33.73
CA GLY B 90 18.90 -3.70 34.31
C GLY B 90 18.70 -4.75 33.22
N THR B 91 18.41 -5.99 33.61
CA THR B 91 18.19 -7.03 32.62
C THR B 91 17.01 -7.91 32.97
N MET B 92 16.52 -8.64 31.97
CA MET B 92 15.44 -9.61 32.09
C MET B 92 15.88 -10.80 31.23
N THR B 93 15.56 -12.01 31.65
CA THR B 93 15.92 -13.20 30.87
C THR B 93 14.87 -13.38 29.76
N LEU B 94 15.20 -14.17 28.75
CA LEU B 94 14.24 -14.38 27.67
C LEU B 94 12.98 -15.07 28.17
N ALA B 95 13.11 -15.88 29.24
CA ALA B 95 11.95 -16.56 29.82
C ALA B 95 11.06 -15.49 30.46
N GLU B 96 11.68 -14.57 31.18
CA GLU B 96 10.94 -13.49 31.84
C GLU B 96 10.28 -12.59 30.80
N LEU B 97 10.99 -12.31 29.71
CA LEU B 97 10.44 -11.49 28.64
C LEU B 97 9.25 -12.21 27.98
N SER B 98 9.38 -13.51 27.76
CA SER B 98 8.31 -14.31 27.17
C SER B 98 7.07 -14.30 28.07
N ALA B 99 7.26 -14.51 29.37
CA ALA B 99 6.14 -14.51 30.29
C ALA B 99 5.51 -13.12 30.39
N ALA B 100 6.33 -12.08 30.34
CA ALA B 100 5.81 -10.71 30.41
C ALA B 100 4.99 -10.39 29.17
N ALA B 101 5.49 -10.77 27.99
CA ALA B 101 4.77 -10.52 26.75
C ALA B 101 3.44 -11.28 26.73
N LEU B 102 3.47 -12.55 27.10
CA LEU B 102 2.26 -13.35 27.05
C LEU B 102 1.21 -13.07 28.13
N GLN B 103 1.66 -12.96 29.38
CA GLN B 103 0.72 -12.81 30.49
C GLN B 103 0.31 -11.40 30.84
N TYR B 104 1.13 -10.43 30.43
CA TYR B 104 0.83 -9.02 30.72
C TYR B 104 0.73 -8.19 29.44
N SER B 105 1.08 -8.78 28.29
CA SER B 105 1.08 -8.07 27.01
C SER B 105 2.05 -6.89 27.01
N ASP B 106 3.19 -7.05 27.68
CA ASP B 106 4.23 -6.03 27.77
C ASP B 106 4.86 -5.85 26.38
N ASN B 107 4.82 -4.62 25.86
CA ASN B 107 5.36 -4.35 24.53
C ASN B 107 6.86 -4.22 24.41
N THR B 108 7.53 -3.84 25.49
CA THR B 108 8.98 -3.78 25.43
C THR B 108 9.46 -5.24 25.38
N ALA B 109 8.78 -6.08 26.16
CA ALA B 109 9.13 -7.51 26.18
C ALA B 109 8.93 -8.10 24.78
N MET B 110 7.79 -7.80 24.14
CA MET B 110 7.57 -8.33 22.78
C MET B 110 8.67 -7.82 21.82
N ASN B 111 9.09 -6.57 21.96
CA ASN B 111 10.15 -6.10 21.07
C ASN B 111 11.46 -6.87 21.30
N LYS B 112 11.74 -7.30 22.52
CA LYS B 112 12.96 -8.06 22.76
C LYS B 112 12.84 -9.45 22.11
N LEU B 113 11.63 -10.01 22.11
CA LEU B 113 11.46 -11.32 21.49
C LEU B 113 11.69 -11.17 19.98
N ILE B 114 11.10 -10.13 19.40
CA ILE B 114 11.27 -9.88 17.97
C ILE B 114 12.75 -9.69 17.61
N ALA B 115 13.46 -8.89 18.40
CA ALA B 115 14.88 -8.65 18.14
C ALA B 115 15.67 -9.96 18.23
N GLN B 116 15.30 -10.81 19.20
CA GLN B 116 15.98 -12.10 19.36
C GLN B 116 15.80 -12.98 18.14
N LEU B 117 14.68 -12.80 17.43
CA LEU B 117 14.38 -13.60 16.25
C LEU B 117 14.91 -12.96 14.97
N GLY B 118 15.56 -11.80 15.12
CA GLY B 118 16.13 -11.12 13.97
C GLY B 118 15.22 -10.14 13.29
N GLY B 119 14.12 -9.77 13.95
CA GLY B 119 13.20 -8.82 13.34
C GLY B 119 11.86 -9.49 13.10
N PRO B 120 10.83 -8.72 12.73
CA PRO B 120 9.49 -9.29 12.49
C PRO B 120 9.55 -10.47 11.53
N GLY B 121 10.43 -10.37 10.53
CA GLY B 121 10.58 -11.44 9.55
C GLY B 121 10.98 -12.77 10.15
N GLY B 122 11.70 -12.73 11.26
CA GLY B 122 12.10 -13.96 11.92
C GLY B 122 10.88 -14.65 12.54
N VAL B 123 9.89 -13.85 12.96
CA VAL B 123 8.68 -14.43 13.54
C VAL B 123 7.90 -15.10 12.42
N THR B 124 7.81 -14.43 11.27
CA THR B 124 7.11 -14.98 10.13
C THR B 124 7.81 -16.26 9.66
N ALA B 125 9.14 -16.26 9.70
CA ALA B 125 9.90 -17.44 9.28
C ALA B 125 9.55 -18.66 10.14
N PHE B 126 9.32 -18.42 11.42
CA PHE B 126 8.95 -19.50 12.32
C PHE B 126 7.57 -20.00 11.93
N ALA B 127 6.66 -19.08 11.63
CA ALA B 127 5.30 -19.48 11.24
C ALA B 127 5.40 -20.40 10.02
N ARG B 128 6.20 -20.03 9.03
CA ARG B 128 6.36 -20.85 7.84
C ARG B 128 6.94 -22.23 8.19
N ALA B 129 7.87 -22.26 9.12
CA ALA B 129 8.51 -23.50 9.54
C ALA B 129 7.51 -24.49 10.13
N ILE B 130 6.46 -23.99 10.80
CA ILE B 130 5.49 -24.89 11.38
C ILE B 130 4.28 -25.12 10.49
N GLY B 131 4.35 -24.63 9.25
CA GLY B 131 3.27 -24.88 8.32
C GLY B 131 2.22 -23.81 8.14
N ASP B 132 2.41 -22.67 8.80
CA ASP B 132 1.46 -21.57 8.67
C ASP B 132 1.96 -20.67 7.53
N GLU B 133 1.25 -20.67 6.41
CA GLU B 133 1.64 -19.86 5.24
C GLU B 133 0.85 -18.56 5.13
N THR B 134 0.05 -18.28 6.15
CA THR B 134 -0.84 -17.11 6.15
C THR B 134 -0.35 -15.98 7.05
N PHE B 135 0.08 -16.33 8.25
CA PHE B 135 0.59 -15.38 9.24
C PHE B 135 1.71 -14.52 8.70
N ARG B 136 1.70 -13.24 9.04
CA ARG B 136 2.80 -12.35 8.67
C ARG B 136 2.98 -11.27 9.73
N LEU B 137 4.23 -11.12 10.19
CA LEU B 137 4.56 -10.06 11.12
C LEU B 137 5.49 -9.18 10.32
N ASP B 138 5.13 -7.89 10.27
CA ASP B 138 5.85 -6.91 9.48
C ASP B 138 6.53 -5.80 10.24
N ARG B 139 5.95 -5.45 11.38
CA ARG B 139 6.45 -4.36 12.21
C ARG B 139 6.66 -4.72 13.68
N THR B 140 7.31 -3.82 14.39
CA THR B 140 7.56 -3.98 15.81
C THR B 140 6.45 -3.27 16.60
N GLU B 141 6.54 -3.32 17.92
CA GLU B 141 5.59 -2.62 18.78
C GLU B 141 6.09 -1.17 18.80
N PRO B 142 5.17 -0.20 18.77
CA PRO B 142 3.71 -0.36 18.76
C PRO B 142 3.04 -0.27 17.39
N THR B 143 3.79 0.01 16.33
CA THR B 143 3.15 0.19 15.04
C THR B 143 2.49 -1.03 14.41
N LEU B 144 2.76 -2.23 14.91
CA LEU B 144 2.13 -3.41 14.32
C LEU B 144 0.63 -3.45 14.62
N ASN B 145 0.17 -2.54 15.48
CA ASN B 145 -1.22 -2.47 15.89
C ASN B 145 -2.06 -1.37 15.23
N THR B 146 -1.56 -0.76 14.16
CA THR B 146 -2.32 0.31 13.49
C THR B 146 -3.66 -0.16 12.96
N ALA B 147 -3.74 -1.44 12.59
CA ALA B 147 -4.99 -2.04 12.15
C ALA B 147 -5.75 -1.31 11.05
N ILE B 148 -5.04 -0.76 10.09
CA ILE B 148 -5.69 -0.04 8.99
C ILE B 148 -6.47 -0.98 8.09
N PRO B 149 -7.77 -0.69 7.85
CA PRO B 149 -8.62 -1.53 6.99
C PRO B 149 -7.93 -1.76 5.65
N GLY B 150 -7.86 -3.03 5.24
CA GLY B 150 -7.22 -3.34 3.96
C GLY B 150 -5.71 -3.56 3.97
N ASP B 151 -5.04 -3.17 5.05
CA ASP B 151 -3.59 -3.33 5.18
C ASP B 151 -3.30 -4.79 5.52
N PRO B 152 -2.50 -5.48 4.69
CA PRO B 152 -2.21 -6.88 4.99
C PRO B 152 -1.11 -7.08 6.05
N ARG B 153 -0.43 -6.00 6.42
CA ARG B 153 0.65 -6.15 7.39
C ARG B 153 0.17 -6.58 8.76
N ASP B 154 0.94 -7.47 9.39
CA ASP B 154 0.63 -7.93 10.74
C ASP B 154 -0.77 -8.51 10.88
N THR B 155 -1.16 -9.31 9.89
CA THR B 155 -2.48 -9.93 9.90
C THR B 155 -2.37 -11.44 9.71
N THR B 156 -3.48 -12.12 9.96
CA THR B 156 -3.59 -13.55 9.66
C THR B 156 -5.09 -13.78 9.57
N THR B 157 -5.50 -15.01 9.28
CA THR B 157 -6.93 -15.33 9.20
C THR B 157 -7.29 -16.18 10.41
N PRO B 158 -8.57 -16.14 10.81
CA PRO B 158 -9.00 -16.94 11.96
C PRO B 158 -8.67 -18.42 11.75
N ARG B 159 -8.93 -18.93 10.54
CA ARG B 159 -8.67 -20.34 10.25
C ARG B 159 -7.20 -20.66 10.45
N ALA B 160 -6.33 -19.85 9.87
CA ALA B 160 -4.91 -20.11 9.99
C ALA B 160 -4.42 -20.05 11.45
N MET B 161 -4.88 -19.07 12.21
N MET B 161 -4.89 -19.06 12.20
CA MET B 161 -4.45 -18.93 13.60
CA MET B 161 -4.44 -18.92 13.59
C MET B 161 -4.98 -20.05 14.48
C MET B 161 -4.99 -20.01 14.49
N ALA B 162 -6.20 -20.49 14.23
CA ALA B 162 -6.75 -21.55 15.05
C ALA B 162 -5.90 -22.81 14.79
N GLN B 163 -5.60 -23.08 13.54
CA GLN B 163 -4.80 -24.27 13.22
C GLN B 163 -3.41 -24.20 13.83
N THR B 164 -2.79 -23.02 13.78
CA THR B 164 -1.46 -22.87 14.36
C THR B 164 -1.51 -22.97 15.87
N LEU B 165 -2.50 -22.36 16.50
CA LEU B 165 -2.55 -22.43 17.96
C LEU B 165 -2.75 -23.88 18.39
N ARG B 166 -3.48 -24.64 17.58
CA ARG B 166 -3.68 -26.06 17.90
C ARG B 166 -2.32 -26.76 17.79
N GLN B 167 -1.58 -26.50 16.73
CA GLN B 167 -0.29 -27.17 16.58
C GLN B 167 0.69 -26.79 17.70
N LEU B 168 0.65 -25.54 18.14
CA LEU B 168 1.56 -25.07 19.19
C LEU B 168 1.25 -25.59 20.58
N THR B 169 -0.03 -25.64 20.91
CA THR B 169 -0.44 -26.03 22.26
C THR B 169 -0.89 -27.46 22.48
N LEU B 170 -1.36 -28.11 21.42
CA LEU B 170 -1.84 -29.48 21.53
C LEU B 170 -1.13 -30.44 20.59
N GLY B 171 -0.42 -29.87 19.61
CA GLY B 171 0.28 -30.68 18.64
C GLY B 171 1.78 -30.76 18.82
N HIS B 172 2.47 -30.99 17.70
CA HIS B 172 3.95 -31.13 17.75
C HIS B 172 4.80 -30.07 17.11
N ALA B 173 4.34 -28.82 17.01
CA ALA B 173 5.14 -27.78 16.41
C ALA B 173 6.35 -27.52 17.28
N LEU B 174 6.17 -27.72 18.58
CA LEU B 174 7.22 -27.54 19.58
C LEU B 174 7.52 -28.85 20.30
N GLY B 175 8.71 -28.91 20.92
CA GLY B 175 9.10 -30.08 21.69
C GLY B 175 8.18 -30.18 22.90
N GLU B 176 7.99 -31.37 23.46
CA GLU B 176 7.07 -31.51 24.58
C GLU B 176 7.22 -30.51 25.73
N THR B 177 8.44 -30.29 26.21
CA THR B 177 8.70 -29.36 27.30
C THR B 177 8.31 -27.94 26.93
N GLN B 178 8.63 -27.55 25.69
CA GLN B 178 8.31 -26.21 25.21
C GLN B 178 6.79 -26.04 25.04
N ARG B 179 6.11 -27.07 24.56
CA ARG B 179 4.67 -27.01 24.40
C ARG B 179 4.06 -26.77 25.78
N ALA B 180 4.52 -27.55 26.76
CA ALA B 180 4.02 -27.43 28.13
C ALA B 180 4.25 -26.05 28.68
N GLN B 181 5.42 -25.47 28.38
CA GLN B 181 5.74 -24.15 28.88
C GLN B 181 4.81 -23.11 28.27
N LEU B 182 4.56 -23.23 26.98
CA LEU B 182 3.67 -22.28 26.32
C LEU B 182 2.28 -22.35 26.92
N VAL B 183 1.79 -23.58 27.14
CA VAL B 183 0.46 -23.77 27.71
C VAL B 183 0.41 -23.20 29.12
N THR B 184 1.47 -23.43 29.90
CA THR B 184 1.50 -22.89 31.26
C THR B 184 1.41 -21.35 31.23
N TRP B 185 2.16 -20.73 30.34
CA TRP B 185 2.12 -19.27 30.23
C TRP B 185 0.73 -18.77 29.85
N LEU B 186 0.12 -19.41 28.85
CA LEU B 186 -1.22 -19.00 28.40
C LEU B 186 -2.27 -19.15 29.49
N LYS B 187 -2.19 -20.25 30.26
CA LYS B 187 -3.15 -20.49 31.33
C LYS B 187 -2.99 -19.45 32.43
N GLY B 188 -1.80 -18.85 32.51
CA GLY B 188 -1.53 -17.85 33.52
C GLY B 188 -1.78 -16.42 33.06
N ASN B 189 -2.39 -16.26 31.89
CA ASN B 189 -2.67 -14.92 31.38
C ASN B 189 -3.52 -14.09 32.37
N THR B 190 -3.19 -12.81 32.47
CA THR B 190 -3.91 -11.91 33.38
C THR B 190 -4.95 -11.04 32.69
N THR B 191 -4.93 -11.00 31.36
CA THR B 191 -5.80 -10.07 30.63
C THR B 191 -7.06 -10.62 29.96
N GLY B 192 -7.38 -11.90 30.17
CA GLY B 192 -8.50 -12.43 29.39
C GLY B 192 -9.84 -12.71 30.02
N ALA B 193 -10.08 -12.37 31.29
CA ALA B 193 -11.37 -12.65 31.91
C ALA B 193 -12.61 -12.04 31.23
N ALA B 194 -12.43 -10.94 30.51
CA ALA B 194 -13.55 -10.26 29.87
C ALA B 194 -13.77 -10.66 28.41
N SER B 195 -12.91 -11.51 27.88
CA SER B 195 -13.03 -11.84 26.46
C SER B 195 -13.63 -13.23 26.19
N ILE B 196 -12.95 -14.11 25.47
CA ILE B 196 -13.52 -15.43 25.22
C ILE B 196 -13.97 -16.13 26.52
N ARG B 197 -13.13 -16.09 27.54
CA ARG B 197 -13.46 -16.76 28.78
C ARG B 197 -14.72 -16.27 29.48
N ALA B 198 -15.11 -15.02 29.22
CA ALA B 198 -16.34 -14.48 29.83
C ALA B 198 -17.58 -15.16 29.24
N GLY B 199 -17.43 -15.78 28.07
CA GLY B 199 -18.56 -16.44 27.43
C GLY B 199 -18.57 -17.96 27.59
N LEU B 200 -17.68 -18.48 28.43
CA LEU B 200 -17.60 -19.93 28.64
C LEU B 200 -17.97 -20.27 30.07
N PRO B 201 -18.45 -21.51 30.29
CA PRO B 201 -18.83 -21.96 31.63
C PRO B 201 -17.63 -21.76 32.58
N THR B 202 -17.90 -21.34 33.81
CA THR B 202 -16.83 -21.09 34.77
C THR B 202 -15.95 -22.31 35.02
N SER B 203 -16.53 -23.52 35.00
CA SER B 203 -15.77 -24.73 35.26
C SER B 203 -14.72 -25.03 34.20
N TRP B 204 -14.94 -24.55 32.97
CA TRP B 204 -13.99 -24.79 31.89
C TRP B 204 -12.67 -24.07 32.15
N THR B 205 -11.56 -24.75 31.90
CA THR B 205 -10.26 -24.15 32.10
C THR B 205 -9.76 -23.69 30.75
N ALA B 206 -8.97 -22.61 30.72
CA ALA B 206 -8.49 -22.14 29.42
C ALA B 206 -7.24 -21.29 29.54
N GLY B 207 -6.55 -21.14 28.42
CA GLY B 207 -5.38 -20.30 28.33
C GLY B 207 -5.67 -19.41 27.14
N ASP B 208 -5.23 -18.16 27.18
CA ASP B 208 -5.55 -17.29 26.05
C ASP B 208 -4.60 -16.11 25.93
N LYS B 209 -4.66 -15.43 24.79
CA LYS B 209 -3.85 -14.22 24.61
C LYS B 209 -4.78 -13.22 23.92
N THR B 210 -4.98 -12.08 24.57
CA THR B 210 -5.84 -11.02 24.05
C THR B 210 -5.06 -10.03 23.17
N GLY B 211 -5.80 -9.14 22.51
CA GLY B 211 -5.16 -8.12 21.71
C GLY B 211 -6.12 -6.94 21.52
N SER B 212 -5.56 -5.75 21.38
N SER B 212 -5.55 -5.74 21.39
CA SER B 212 -6.35 -4.54 21.16
CA SER B 212 -6.33 -4.53 21.18
C SER B 212 -5.50 -3.58 20.35
C SER B 212 -5.50 -3.56 20.35
N GLY B 213 -6.12 -2.82 19.45
CA GLY B 213 -5.36 -1.88 18.64
C GLY B 213 -6.26 -0.78 18.15
N ASP B 214 -5.80 0.00 17.19
CA ASP B 214 -6.64 1.07 16.66
C ASP B 214 -7.83 0.44 15.92
N TYR B 215 -8.76 1.29 15.47
CA TYR B 215 -9.97 0.84 14.81
C TYR B 215 -10.78 -0.09 15.73
N GLY B 216 -10.61 0.14 17.04
CA GLY B 216 -11.34 -0.62 18.05
C GLY B 216 -11.15 -2.11 17.91
N THR B 217 -10.00 -2.50 17.39
CA THR B 217 -9.69 -3.90 17.20
C THR B 217 -9.62 -4.56 18.58
N THR B 218 -10.34 -5.67 18.71
CA THR B 218 -10.41 -6.40 19.97
C THR B 218 -10.33 -7.87 19.59
N ASN B 219 -9.29 -8.53 20.08
CA ASN B 219 -9.06 -9.93 19.70
C ASN B 219 -8.77 -10.84 20.89
N ASP B 220 -8.91 -12.14 20.67
CA ASP B 220 -8.56 -13.15 21.68
C ASP B 220 -8.36 -14.49 20.99
N ILE B 221 -7.35 -15.24 21.41
CA ILE B 221 -7.14 -16.57 20.86
C ILE B 221 -6.97 -17.45 22.08
N ALA B 222 -7.66 -18.58 22.10
CA ALA B 222 -7.65 -19.45 23.28
C ALA B 222 -7.65 -20.94 23.03
N VAL B 223 -7.14 -21.66 24.00
CA VAL B 223 -7.19 -23.10 24.01
C VAL B 223 -8.04 -23.40 25.23
N ILE B 224 -9.07 -24.21 25.06
CA ILE B 224 -10.03 -24.47 26.12
C ILE B 224 -10.19 -25.94 26.44
N TRP B 225 -10.40 -26.24 27.72
CA TRP B 225 -10.61 -27.62 28.16
C TRP B 225 -12.00 -27.67 28.80
N PRO B 226 -13.03 -27.98 28.00
CA PRO B 226 -14.38 -28.05 28.54
C PRO B 226 -14.53 -29.22 29.48
N GLN B 227 -15.61 -29.18 30.26
CA GLN B 227 -15.94 -30.22 31.21
C GLN B 227 -16.22 -31.57 30.51
N GLY B 228 -15.39 -32.56 30.81
CA GLY B 228 -15.58 -33.90 30.28
C GLY B 228 -15.44 -34.19 28.78
N ARG B 229 -14.71 -33.34 28.07
CA ARG B 229 -14.52 -33.58 26.64
C ARG B 229 -13.18 -33.03 26.16
N ALA B 230 -12.78 -33.39 24.95
CA ALA B 230 -11.51 -32.95 24.37
C ALA B 230 -11.40 -31.43 24.25
N PRO B 231 -10.17 -30.91 24.23
CA PRO B 231 -10.00 -29.44 24.12
C PRO B 231 -10.48 -28.82 22.83
N LEU B 232 -10.72 -27.52 22.92
CA LEU B 232 -11.16 -26.71 21.78
C LEU B 232 -10.10 -25.64 21.56
N VAL B 233 -10.05 -25.11 20.36
CA VAL B 233 -9.16 -24.01 20.00
C VAL B 233 -10.11 -22.98 19.46
N LEU B 234 -10.09 -21.77 20.00
CA LEU B 234 -11.02 -20.77 19.51
C LEU B 234 -10.33 -19.45 19.27
N VAL B 235 -10.58 -18.87 18.09
CA VAL B 235 -10.03 -17.59 17.71
C VAL B 235 -11.20 -16.66 17.45
N THR B 236 -11.16 -15.48 18.06
CA THR B 236 -12.20 -14.47 17.83
C THR B 236 -11.52 -13.13 17.57
N TYR B 237 -11.69 -12.63 16.36
CA TYR B 237 -11.12 -11.35 15.94
C TYR B 237 -12.22 -10.34 15.68
N PHE B 238 -12.00 -9.08 15.97
CA PHE B 238 -13.03 -8.07 15.76
C PHE B 238 -12.38 -6.73 15.47
N THR B 239 -12.88 -6.03 14.46
CA THR B 239 -12.34 -4.73 14.15
C THR B 239 -13.49 -3.84 13.70
N GLN B 240 -13.31 -2.53 13.79
CA GLN B 240 -14.38 -1.60 13.51
C GLN B 240 -14.03 -0.53 12.49
N PRO B 241 -15.05 0.19 11.99
CA PRO B 241 -14.90 1.25 10.98
C PRO B 241 -14.13 2.51 11.41
N GLN B 242 -14.37 2.96 12.63
CA GLN B 242 -13.76 4.18 13.14
C GLN B 242 -12.38 3.94 13.76
N GLN B 243 -11.40 4.72 13.33
CA GLN B 243 -10.05 4.55 13.84
C GLN B 243 -9.96 4.67 15.37
N ASN B 244 -10.81 5.52 15.94
CA ASN B 244 -10.82 5.77 17.38
C ASN B 244 -11.87 4.98 18.14
N ALA B 245 -12.43 3.94 17.54
CA ALA B 245 -13.46 3.15 18.18
C ALA B 245 -13.02 2.54 19.51
N GLU B 246 -13.98 2.36 20.40
CA GLU B 246 -13.75 1.78 21.73
C GLU B 246 -13.60 0.28 21.63
N SER B 247 -12.93 -0.33 22.60
CA SER B 247 -12.75 -1.78 22.61
C SER B 247 -14.09 -2.44 22.89
N ARG B 248 -14.28 -3.65 22.36
CA ARG B 248 -15.51 -4.39 22.56
C ARG B 248 -15.25 -5.84 22.97
N ARG B 249 -14.66 -6.05 24.14
CA ARG B 249 -14.40 -7.41 24.57
C ARG B 249 -15.71 -8.18 24.73
N ASP B 250 -16.80 -7.46 25.02
CA ASP B 250 -18.10 -8.11 25.16
C ASP B 250 -18.53 -8.85 23.88
N VAL B 251 -18.10 -8.36 22.71
CA VAL B 251 -18.45 -9.02 21.46
C VAL B 251 -17.77 -10.38 21.38
N LEU B 252 -16.53 -10.44 21.87
CA LEU B 252 -15.76 -11.69 21.86
C LEU B 252 -16.42 -12.67 22.84
N ALA B 253 -16.80 -12.17 24.01
CA ALA B 253 -17.45 -13.02 25.00
C ALA B 253 -18.76 -13.56 24.43
N SER B 254 -19.50 -12.71 23.71
CA SER B 254 -20.77 -13.14 23.10
C SER B 254 -20.54 -14.19 22.04
N ALA B 255 -19.47 -14.01 21.25
CA ALA B 255 -19.16 -14.99 20.22
C ALA B 255 -18.82 -16.33 20.89
N ALA B 256 -18.01 -16.28 21.94
CA ALA B 256 -17.65 -17.53 22.63
C ALA B 256 -18.90 -18.20 23.21
N ARG B 257 -19.82 -17.40 23.72
CA ARG B 257 -21.05 -17.95 24.32
C ARG B 257 -21.86 -18.70 23.25
N ILE B 258 -21.97 -18.10 22.07
CA ILE B 258 -22.69 -18.74 20.97
C ILE B 258 -22.03 -20.08 20.65
N ILE B 259 -20.70 -20.09 20.59
CA ILE B 259 -19.94 -21.29 20.29
C ILE B 259 -20.13 -22.36 21.35
N ALA B 260 -20.01 -21.96 22.62
CA ALA B 260 -20.14 -22.88 23.73
C ALA B 260 -21.51 -23.54 23.79
N GLU B 261 -22.56 -22.75 23.56
CA GLU B 261 -23.92 -23.26 23.61
C GLU B 261 -24.25 -24.13 22.40
N GLY B 262 -23.51 -23.91 21.32
CA GLY B 262 -23.73 -24.68 20.12
C GLY B 262 -23.06 -26.04 20.20
N LEU B 263 -22.22 -26.22 21.21
CA LEU B 263 -21.51 -27.49 21.40
C LEU B 263 -22.47 -28.56 21.91
#